data_1ELG
#
_entry.id   1ELG
#
_cell.length_a   51.080
_cell.length_b   58.040
_cell.length_c   75.180
_cell.angle_alpha   90.00
_cell.angle_beta   90.00
_cell.angle_gamma   90.00
#
_symmetry.space_group_name_H-M   'P 21 21 21'
#
loop_
_entity.id
_entity.type
_entity.pdbx_description
1 polymer 'PORCINE PANCREATIC ELASTASE'
2 non-polymer 'CALCIUM ION'
3 non-polymer (TERT-BUTYLOXYCARBONYL)-ALANYL-ALANYL-AMINE
4 water water
#
_entity_poly.entity_id   1
_entity_poly.type   'polypeptide(L)'
_entity_poly.pdbx_seq_one_letter_code
;VVGGTEAQRNSWPSQISLQYRSGSSWAHTCGGTLIRQNWVMTAAHCVDRELTFRVVVGEHNLNQNNGTEQYVGVQKIVVH
PYWNTDDVAAGYDIALLRLAQSVTLNSYVQLGVLPRAGTILANNSPCYITGWGLTRTNGQLAQTLQQAYLPTVDYAICSS
SSYWGSTVKNSMVCAGGDGVRSGCQGDSGGPLHCLVNGQYAVHGVTSFVSRLGCNVTRKPTVFTRVSAYISWINNVIASN
;
_entity_poly.pdbx_strand_id   A
#
loop_
_chem_comp.id
_chem_comp.type
_chem_comp.name
_chem_comp.formula
BAA non-polymer (TERT-BUTYLOXYCARBONYL)-ALANYL-ALANYL-AMINE 'C11 H21 N3 O4'
CA non-polymer 'CALCIUM ION' 'Ca 2'
#
# COMPACT_ATOMS: atom_id res chain seq x y z
N VAL A 1 -2.93 3.53 -10.01
CA VAL A 1 -2.38 2.37 -10.72
C VAL A 1 -2.40 2.67 -12.23
N VAL A 2 -1.24 2.61 -12.89
CA VAL A 2 -1.16 2.78 -14.34
C VAL A 2 -1.30 1.42 -15.00
N GLY A 3 -2.06 1.31 -16.09
CA GLY A 3 -2.21 0.05 -16.79
C GLY A 3 -2.97 -1.01 -15.99
N GLY A 4 -3.87 -0.59 -15.10
CA GLY A 4 -4.70 -1.47 -14.29
C GLY A 4 -6.01 -1.87 -14.96
N THR A 5 -6.76 -2.75 -14.29
CA THR A 5 -8.11 -3.09 -14.69
C THR A 5 -8.96 -2.87 -13.46
N GLU A 6 -10.27 -2.66 -13.62
CA GLU A 6 -11.13 -2.42 -12.50
C GLU A 6 -11.28 -3.69 -11.69
N ALA A 7 -11.03 -3.59 -10.40
CA ALA A 7 -11.18 -4.71 -9.46
C ALA A 7 -12.65 -5.09 -9.23
N GLN A 8 -12.94 -6.39 -9.02
CA GLN A 8 -14.28 -6.78 -8.61
C GLN A 8 -14.50 -6.25 -7.19
N ARG A 9 -15.74 -6.01 -6.77
CA ARG A 9 -16.05 -5.36 -5.49
C ARG A 9 -15.55 -6.07 -4.23
N ASN A 10 -15.51 -7.39 -4.32
CA ASN A 10 -15.16 -8.22 -3.20
C ASN A 10 -13.82 -8.91 -3.35
N SER A 11 -12.95 -8.48 -4.27
CA SER A 11 -11.67 -9.17 -4.45
C SER A 11 -10.59 -8.89 -3.41
N TRP A 12 -10.53 -7.63 -2.96
CA TRP A 12 -9.43 -7.19 -2.12
C TRP A 12 -9.99 -6.50 -0.88
N PRO A 13 -10.67 -7.23 0.03
CA PRO A 13 -11.44 -6.63 1.12
C PRO A 13 -10.63 -5.99 2.25
N SER A 14 -9.28 -6.16 2.26
CA SER A 14 -8.44 -5.54 3.28
C SER A 14 -7.97 -4.18 2.82
N GLN A 15 -8.21 -3.81 1.53
CA GLN A 15 -7.85 -2.50 1.02
C GLN A 15 -8.63 -1.37 1.69
N ILE A 16 -7.94 -0.32 2.12
CA ILE A 16 -8.62 0.83 2.65
C ILE A 16 -8.18 2.06 1.88
N SER A 17 -9.00 3.10 2.00
CA SER A 17 -8.68 4.41 1.49
C SER A 17 -8.41 5.30 2.69
N LEU A 18 -7.21 5.88 2.73
CA LEU A 18 -6.83 6.86 3.74
C LEU A 18 -7.08 8.26 3.15
N GLN A 19 -7.89 9.01 3.87
CA GLN A 19 -8.39 10.32 3.44
C GLN A 19 -8.11 11.44 4.42
N TYR A 20 -7.88 12.65 3.95
CA TYR A 20 -7.73 13.74 4.88
C TYR A 20 -8.81 14.79 4.63
N ARG A 21 -9.10 15.52 5.72
CA ARG A 21 -10.11 16.56 5.70
C ARG A 21 -9.56 17.71 4.90
N SER A 22 -10.33 18.09 3.91
CA SER A 22 -9.96 19.13 2.99
C SER A 22 -11.18 20.04 2.85
N GLY A 23 -11.13 21.18 3.57
CA GLY A 23 -12.24 22.13 3.61
C GLY A 23 -13.47 21.50 4.26
N SER A 24 -14.51 21.28 3.44
CA SER A 24 -15.73 20.64 3.90
C SER A 24 -15.86 19.18 3.46
N SER A 25 -14.91 18.76 2.63
CA SER A 25 -14.89 17.43 2.10
C SER A 25 -13.68 16.65 2.58
N TRP A 26 -13.63 15.39 2.15
CA TRP A 26 -12.54 14.47 2.44
C TRP A 26 -11.97 14.06 1.11
N ALA A 27 -10.65 14.00 1.06
CA ALA A 27 -9.91 13.66 -0.14
C ALA A 27 -9.02 12.43 0.07
N HIS A 28 -9.06 11.50 -0.89
CA HIS A 28 -8.20 10.33 -0.88
C HIS A 28 -6.73 10.80 -1.06
N THR A 29 -5.83 10.29 -0.21
CA THR A 29 -4.41 10.56 -0.38
C THR A 29 -3.56 9.28 -0.49
N CYS A 30 -3.94 8.19 0.17
CA CYS A 30 -3.17 6.95 0.19
C CYS A 30 -4.03 5.72 0.35
N GLY A 31 -3.46 4.55 0.06
CA GLY A 31 -4.11 3.31 0.41
C GLY A 31 -3.56 2.82 1.77
N GLY A 32 -4.04 1.67 2.17
CA GLY A 32 -3.60 1.02 3.40
C GLY A 32 -4.20 -0.38 3.41
N THR A 33 -3.82 -1.17 4.41
CA THR A 33 -4.35 -2.52 4.58
C THR A 33 -4.88 -2.62 6.01
N LEU A 34 -6.09 -3.14 6.18
CA LEU A 34 -6.66 -3.39 7.49
C LEU A 34 -6.01 -4.68 8.01
N ILE A 35 -5.32 -4.59 9.15
CA ILE A 35 -4.63 -5.75 9.70
C ILE A 35 -5.26 -6.23 10.99
N ARG A 36 -6.02 -5.40 11.69
CA ARG A 36 -6.82 -5.80 12.83
C ARG A 36 -8.10 -5.00 12.66
N GLN A 37 -9.16 -5.29 13.42
CA GLN A 37 -10.42 -4.54 13.33
C GLN A 37 -10.27 -3.07 13.69
N ASN A 38 -9.20 -2.71 14.43
CA ASN A 38 -8.92 -1.33 14.77
C ASN A 38 -7.48 -0.92 14.44
N TRP A 39 -6.78 -1.60 13.53
CA TRP A 39 -5.44 -1.21 13.10
C TRP A 39 -5.32 -1.32 11.59
N VAL A 40 -4.72 -0.27 11.03
CA VAL A 40 -4.42 -0.16 9.59
C VAL A 40 -2.89 0.03 9.40
N MET A 41 -2.33 -0.67 8.40
CA MET A 41 -0.95 -0.53 8.01
C MET A 41 -0.89 0.33 6.74
N THR A 42 -0.03 1.33 6.74
CA THR A 42 0.11 2.20 5.56
C THR A 42 1.58 2.62 5.49
N ALA A 43 1.92 3.57 4.62
CA ALA A 43 3.27 4.06 4.50
C ALA A 43 3.47 5.22 5.47
N ALA A 44 4.63 5.35 6.12
CA ALA A 44 4.88 6.51 6.97
C ALA A 44 4.81 7.82 6.21
N HIS A 45 5.19 7.87 4.92
CA HIS A 45 5.19 9.16 4.21
C HIS A 45 3.78 9.70 3.94
N CYS A 46 2.75 8.83 4.03
CA CYS A 46 1.37 9.23 3.84
C CYS A 46 0.87 10.08 5.02
N VAL A 47 1.50 9.93 6.21
CA VAL A 47 1.08 10.66 7.39
C VAL A 47 2.13 11.62 7.94
N ASP A 48 3.05 12.04 7.06
CA ASP A 48 4.00 13.09 7.40
C ASP A 48 3.31 14.43 7.67
N ARG A 49 2.25 14.73 6.92
CA ARG A 49 1.52 15.97 7.15
C ARG A 49 0.59 15.83 8.35
N GLU A 50 0.53 16.89 9.15
CA GLU A 50 -0.31 16.87 10.34
C GLU A 50 -1.75 17.29 10.06
N LEU A 51 -2.41 16.37 9.35
CA LEU A 51 -3.78 16.53 8.86
C LEU A 51 -4.74 15.71 9.68
N THR A 52 -6.03 15.94 9.48
CA THR A 52 -7.04 15.10 10.06
C THR A 52 -7.25 13.97 9.06
N PHE A 53 -7.07 12.75 9.53
CA PHE A 53 -7.18 11.58 8.68
C PHE A 53 -8.38 10.75 9.06
N ARG A 54 -8.97 10.13 8.04
CA ARG A 54 -9.98 9.09 8.30
C ARG A 54 -9.68 7.92 7.36
N VAL A 55 -10.22 6.77 7.76
CA VAL A 55 -10.10 5.56 6.99
C VAL A 55 -11.50 5.16 6.52
N VAL A 56 -11.56 4.71 5.27
CA VAL A 56 -12.79 4.13 4.74
C VAL A 56 -12.49 2.68 4.32
N VAL A 57 -13.26 1.78 4.93
CA VAL A 57 -13.22 0.36 4.62
C VAL A 57 -14.47 0.05 3.78
N GLY A 58 -14.44 -1.04 3.00
CA GLY A 58 -15.57 -1.45 2.19
C GLY A 58 -15.82 -0.46 1.06
N GLU A 59 -14.75 0.25 0.68
CA GLU A 59 -14.84 1.22 -0.37
C GLU A 59 -14.52 0.62 -1.73
N HIS A 60 -15.29 1.03 -2.77
CA HIS A 60 -14.99 0.65 -4.14
C HIS A 60 -14.93 1.86 -5.11
N ASN A 61 -15.97 2.70 -5.15
CA ASN A 61 -16.00 3.88 -6.01
C ASN A 61 -15.84 5.08 -5.09
N LEU A 62 -14.78 5.84 -5.17
CA LEU A 62 -14.59 6.99 -4.27
C LEU A 62 -15.66 8.09 -4.29
N ASN A 63 -16.33 8.17 -5.42
CA ASN A 63 -17.26 9.26 -5.71
C ASN A 63 -18.72 8.86 -5.71
N GLN A 64 -19.08 7.61 -5.38
CA GLN A 64 -20.47 7.15 -5.36
C GLN A 64 -20.78 6.30 -4.15
N ASN A 65 -22.00 6.32 -3.63
CA ASN A 65 -22.37 5.43 -2.56
C ASN A 65 -22.42 3.98 -3.07
N ASN A 66 -21.63 3.13 -2.39
CA ASN A 66 -21.55 1.72 -2.73
C ASN A 66 -22.49 0.86 -1.88
N GLY A 67 -22.95 1.43 -0.77
CA GLY A 67 -23.81 0.72 0.18
C GLY A 67 -23.00 -0.19 1.10
N THR A 68 -21.66 -0.14 1.08
CA THR A 68 -20.81 -1.04 1.86
C THR A 68 -19.76 -0.37 2.74
N GLU A 69 -19.66 0.97 2.69
CA GLU A 69 -18.58 1.70 3.33
C GLU A 69 -18.76 1.86 4.82
N GLN A 70 -17.66 1.81 5.56
CA GLN A 70 -17.67 2.24 6.96
C GLN A 70 -16.54 3.26 7.06
N TYR A 71 -16.85 4.34 7.76
CA TYR A 71 -16.00 5.51 7.92
C TYR A 71 -15.56 5.62 9.37
N VAL A 72 -14.26 5.65 9.60
CA VAL A 72 -13.78 5.68 10.97
C VAL A 72 -12.56 6.58 11.13
N GLY A 73 -12.54 7.34 12.23
CA GLY A 73 -11.43 8.23 12.53
C GLY A 73 -10.16 7.50 12.96
N VAL A 74 -9.04 8.21 12.80
CA VAL A 74 -7.73 7.74 13.22
C VAL A 74 -7.49 8.40 14.57
N GLN A 75 -7.29 7.52 15.53
CA GLN A 75 -7.05 7.90 16.89
C GLN A 75 -5.56 8.01 17.27
N LYS A 76 -4.67 7.21 16.69
CA LYS A 76 -3.26 7.25 17.03
C LYS A 76 -2.43 6.83 15.83
N ILE A 77 -1.35 7.54 15.55
CA ILE A 77 -0.47 7.19 14.45
C ILE A 77 0.89 6.79 15.04
N VAL A 78 1.40 5.60 14.70
CA VAL A 78 2.69 5.11 15.18
C VAL A 78 3.54 4.90 13.93
N VAL A 79 4.46 5.84 13.62
CA VAL A 79 5.32 5.65 12.46
C VAL A 79 6.54 4.89 12.92
N HIS A 80 7.26 4.22 12.01
CA HIS A 80 8.46 3.49 12.39
C HIS A 80 9.49 4.45 12.99
N PRO A 81 10.11 4.18 14.18
CA PRO A 81 11.10 5.04 14.85
C PRO A 81 12.24 5.55 13.99
N TYR A 82 12.60 4.72 13.02
CA TYR A 82 13.67 5.01 12.10
C TYR A 82 13.26 5.71 10.81
N TRP A 83 11.97 5.98 10.55
CA TRP A 83 11.52 6.65 9.32
C TRP A 83 12.13 8.03 9.27
N ASN A 84 12.63 8.42 8.10
CA ASN A 84 13.17 9.76 7.91
C ASN A 84 12.58 10.28 6.61
N THR A 85 11.75 11.31 6.74
CA THR A 85 11.04 11.92 5.61
C THR A 85 11.88 12.37 4.40
N ASP A 86 13.10 12.85 4.74
CA ASP A 86 14.09 13.31 3.79
C ASP A 86 14.89 12.17 3.18
N ASP A 87 14.61 10.92 3.56
CA ASP A 87 15.37 9.81 3.04
C ASP A 87 14.47 8.60 2.81
N VAL A 88 13.54 8.63 1.84
CA VAL A 88 12.68 7.46 1.61
C VAL A 88 13.51 6.24 1.16
N ALA A 89 14.65 6.47 0.48
CA ALA A 89 15.53 5.41 0.00
C ALA A 89 16.18 4.65 1.14
N ALA A 90 16.17 5.19 2.37
CA ALA A 90 16.67 4.47 3.53
C ALA A 90 15.72 3.36 3.98
N GLY A 91 14.46 3.42 3.55
CA GLY A 91 13.43 2.48 3.97
C GLY A 91 12.65 2.98 5.16
N TYR A 92 12.10 2.00 5.90
CA TYR A 92 11.27 2.21 7.09
C TYR A 92 10.01 3.00 6.80
N ASP A 93 9.56 2.89 5.54
CA ASP A 93 8.37 3.61 5.13
C ASP A 93 7.13 2.80 5.45
N ILE A 94 6.80 2.85 6.77
CA ILE A 94 5.67 2.10 7.31
C ILE A 94 5.16 2.78 8.59
N ALA A 95 3.83 2.74 8.73
CA ALA A 95 3.16 3.29 9.91
C ALA A 95 1.90 2.48 10.16
N LEU A 96 1.54 2.49 11.44
CA LEU A 96 0.35 1.81 11.93
C LEU A 96 -0.60 2.87 12.50
N LEU A 97 -1.86 2.75 12.11
CA LEU A 97 -2.90 3.67 12.53
C LEU A 97 -3.91 2.90 13.36
N ARG A 98 -4.11 3.37 14.60
CA ARG A 98 -5.14 2.83 15.44
C ARG A 98 -6.41 3.64 15.19
N LEU A 99 -7.47 2.91 14.82
CA LEU A 99 -8.77 3.49 14.53
C LEU A 99 -9.53 3.80 15.81
N ALA A 100 -10.39 4.80 15.71
CA ALA A 100 -11.18 5.29 16.83
C ALA A 100 -12.19 4.23 17.27
N GLN A 101 -12.70 3.42 16.33
CA GLN A 101 -13.60 2.31 16.61
C GLN A 101 -13.17 1.08 15.81
N SER A 102 -13.63 -0.09 16.24
CA SER A 102 -13.44 -1.34 15.50
C SER A 102 -14.43 -1.41 14.37
N VAL A 103 -13.97 -1.79 13.18
CA VAL A 103 -14.87 -1.94 12.05
C VAL A 103 -15.47 -3.34 12.06
N THR A 104 -16.62 -3.50 11.39
CA THR A 104 -17.32 -4.76 11.26
C THR A 104 -16.84 -5.49 10.02
N LEU A 105 -16.43 -6.74 10.23
CA LEU A 105 -15.98 -7.51 9.11
C LEU A 105 -17.19 -8.14 8.40
N ASN A 106 -17.11 -8.21 7.09
CA ASN A 106 -18.12 -8.85 6.24
C ASN A 106 -17.47 -9.20 4.91
N SER A 107 -18.13 -9.55 3.79
CA SER A 107 -17.38 -9.89 2.57
C SER A 107 -16.66 -8.73 1.89
N TYR A 108 -16.89 -7.51 2.38
CA TYR A 108 -16.24 -6.33 1.81
C TYR A 108 -15.12 -5.80 2.71
N VAL A 109 -15.06 -6.27 3.97
CA VAL A 109 -14.15 -5.75 4.96
C VAL A 109 -13.57 -6.98 5.65
N GLN A 110 -12.30 -7.27 5.41
CA GLN A 110 -11.63 -8.43 5.99
C GLN A 110 -10.20 -8.06 6.34
N LEU A 111 -9.55 -8.78 7.26
CA LEU A 111 -8.18 -8.48 7.57
C LEU A 111 -7.25 -9.02 6.50
N GLY A 112 -6.15 -8.32 6.23
CA GLY A 112 -5.11 -8.72 5.31
C GLY A 112 -4.23 -9.75 6.00
N VAL A 113 -3.87 -10.80 5.28
CA VAL A 113 -3.03 -11.86 5.79
C VAL A 113 -1.59 -11.38 5.67
N LEU A 114 -0.78 -11.40 6.73
CA LEU A 114 0.61 -10.97 6.65
C LEU A 114 1.55 -12.17 6.44
N PRO A 115 2.67 -12.01 5.72
CA PRO A 115 3.66 -13.06 5.55
C PRO A 115 4.37 -13.36 6.86
N ARG A 116 4.96 -14.56 6.92
CA ARG A 116 5.82 -14.93 8.03
C ARG A 116 7.07 -14.07 7.96
N ALA A 117 7.56 -13.72 9.15
CA ALA A 117 8.78 -12.93 9.31
C ALA A 117 9.93 -13.47 8.48
N GLY A 118 10.56 -12.60 7.70
CA GLY A 118 11.75 -12.96 6.92
C GLY A 118 11.51 -13.57 5.55
N THR A 119 10.23 -13.85 5.20
CA THR A 119 9.90 -14.43 3.92
C THR A 119 10.30 -13.56 2.75
N ILE A 120 11.05 -14.15 1.81
CA ILE A 120 11.49 -13.45 0.61
C ILE A 120 10.89 -14.21 -0.56
N LEU A 121 10.26 -13.50 -1.50
CA LEU A 121 9.66 -14.10 -2.67
C LEU A 121 10.67 -14.38 -3.78
N ALA A 122 10.46 -15.46 -4.52
CA ALA A 122 11.33 -15.76 -5.65
C ALA A 122 11.05 -14.72 -6.73
N ASN A 123 12.05 -14.47 -7.58
CA ASN A 123 11.92 -13.59 -8.72
C ASN A 123 10.76 -14.06 -9.59
N ASN A 124 10.07 -13.02 -10.06
CA ASN A 124 8.89 -13.15 -10.87
C ASN A 124 7.74 -13.86 -10.21
N SER A 125 7.59 -13.63 -8.89
CA SER A 125 6.43 -14.11 -8.16
C SER A 125 5.17 -13.33 -8.53
N PRO A 126 4.03 -14.03 -8.70
CA PRO A 126 2.75 -13.43 -9.06
C PRO A 126 2.17 -12.56 -7.96
N CYS A 127 2.04 -11.26 -8.23
CA CYS A 127 1.47 -10.35 -7.23
C CYS A 127 0.58 -9.34 -7.96
N TYR A 128 -0.32 -8.71 -7.20
CA TYR A 128 -1.18 -7.68 -7.73
C TYR A 128 -1.04 -6.41 -6.90
N ILE A 129 -0.96 -5.24 -7.53
CA ILE A 129 -1.05 -3.98 -6.78
C ILE A 129 -2.48 -3.50 -6.96
N THR A 130 -3.01 -2.97 -5.87
CA THR A 130 -4.32 -2.35 -5.91
C THR A 130 -4.33 -0.90 -5.38
N GLY A 131 -5.24 -0.06 -5.92
CA GLY A 131 -5.35 1.29 -5.41
C GLY A 131 -6.19 2.20 -6.29
N TRP A 132 -6.44 3.38 -5.68
CA TRP A 132 -7.18 4.45 -6.36
C TRP A 132 -6.28 5.59 -6.87
N GLY A 133 -4.97 5.32 -6.94
CA GLY A 133 -3.99 6.31 -7.37
C GLY A 133 -4.11 6.66 -8.85
N LEU A 134 -3.27 7.63 -9.26
CA LEU A 134 -3.24 8.12 -10.64
C LEU A 134 -3.12 6.97 -11.64
N THR A 135 -3.93 7.09 -12.68
CA THR A 135 -3.96 6.06 -13.71
C THR A 135 -3.03 6.35 -14.89
N ARG A 136 -2.36 7.51 -14.79
CA ARG A 136 -1.33 7.94 -15.73
C ARG A 136 -0.40 8.83 -14.91
N THR A 137 0.88 8.84 -15.30
CA THR A 137 1.84 9.80 -14.77
C THR A 137 1.25 11.21 -15.01
N ASN A 138 1.16 11.96 -13.89
CA ASN A 138 0.61 13.31 -13.86
C ASN A 138 -0.81 13.36 -14.38
N GLY A 139 -1.54 12.24 -14.16
CA GLY A 139 -2.93 12.12 -14.53
C GLY A 139 -3.83 12.45 -13.35
N GLN A 140 -4.93 11.70 -13.26
CA GLN A 140 -5.84 11.85 -12.14
C GLN A 140 -6.18 10.52 -11.47
N LEU A 141 -6.72 10.62 -10.24
CA LEU A 141 -7.09 9.44 -9.46
C LEU A 141 -8.17 8.62 -10.16
N ALA A 142 -8.15 7.32 -9.87
CA ALA A 142 -9.18 6.42 -10.36
C ALA A 142 -10.45 6.63 -9.50
N GLN A 143 -11.61 6.42 -10.12
CA GLN A 143 -12.87 6.47 -9.38
C GLN A 143 -13.09 5.16 -8.64
N THR A 144 -12.81 4.08 -9.35
CA THR A 144 -12.99 2.72 -8.84
C THR A 144 -11.63 2.04 -8.63
N LEU A 145 -11.61 1.12 -7.64
CA LEU A 145 -10.37 0.41 -7.29
C LEU A 145 -9.81 -0.30 -8.51
N GLN A 146 -8.52 -0.02 -8.78
CA GLN A 146 -7.83 -0.65 -9.89
C GLN A 146 -6.89 -1.73 -9.36
N GLN A 147 -6.56 -2.70 -10.23
CA GLN A 147 -5.57 -3.70 -9.89
C GLN A 147 -4.66 -3.88 -11.08
N ALA A 148 -3.38 -4.16 -10.84
CA ALA A 148 -2.48 -4.48 -11.95
C ALA A 148 -1.60 -5.65 -11.53
N TYR A 149 -1.33 -6.54 -12.48
CA TYR A 149 -0.47 -7.68 -12.28
C TYR A 149 0.96 -7.17 -12.39
N LEU A 150 1.64 -7.32 -11.26
CA LEU A 150 2.97 -6.80 -11.08
C LEU A 150 3.86 -7.90 -10.50
N PRO A 151 4.49 -8.77 -11.28
CA PRO A 151 5.45 -9.75 -10.78
C PRO A 151 6.68 -9.17 -10.10
N THR A 152 7.20 -9.84 -9.04
CA THR A 152 8.36 -9.29 -8.35
C THR A 152 9.65 -9.32 -9.17
N VAL A 153 10.53 -8.39 -8.81
CA VAL A 153 11.85 -8.30 -9.39
C VAL A 153 12.71 -8.46 -8.13
N ASP A 154 13.42 -9.59 -7.98
CA ASP A 154 14.18 -9.81 -6.76
C ASP A 154 15.28 -8.79 -6.52
N TYR A 155 15.83 -8.74 -5.30
CA TYR A 155 16.79 -7.73 -4.91
C TYR A 155 18.03 -7.61 -5.77
N ALA A 156 18.62 -8.75 -6.18
CA ALA A 156 19.81 -8.75 -7.02
C ALA A 156 19.57 -8.07 -8.36
N ILE A 157 18.39 -8.28 -8.95
CA ILE A 157 18.08 -7.63 -10.22
C ILE A 157 17.69 -6.18 -9.96
N CYS A 158 16.84 -5.94 -8.98
CA CYS A 158 16.35 -4.60 -8.72
C CYS A 158 17.43 -3.63 -8.23
N SER A 159 18.49 -4.10 -7.57
CA SER A 159 19.54 -3.21 -7.10
C SER A 159 20.69 -3.15 -8.11
N SER A 160 20.53 -3.73 -9.30
CA SER A 160 21.55 -3.59 -10.31
C SER A 160 21.45 -2.19 -10.93
N SER A 161 22.53 -1.81 -11.61
CA SER A 161 22.68 -0.52 -12.27
C SER A 161 21.53 -0.06 -13.12
N SER A 162 21.05 -0.94 -14.00
CA SER A 162 19.99 -0.58 -14.94
C SER A 162 18.60 -0.46 -14.35
N TYR A 163 18.45 -0.96 -13.12
CA TYR A 163 17.20 -0.83 -12.40
C TYR A 163 17.33 0.27 -11.36
N TRP A 164 17.27 0.04 -10.04
CA TRP A 164 17.28 1.11 -9.09
C TRP A 164 18.62 1.37 -8.43
N GLY A 165 19.61 0.50 -8.68
CA GLY A 165 20.90 0.65 -8.04
C GLY A 165 20.78 0.60 -6.52
N SER A 166 21.60 1.45 -5.89
CA SER A 166 21.70 1.56 -4.43
C SER A 166 20.47 2.14 -3.72
N THR A 167 19.56 2.71 -4.49
CA THR A 167 18.34 3.27 -3.93
C THR A 167 17.50 2.17 -3.27
N VAL A 168 17.45 0.94 -3.83
CA VAL A 168 16.66 -0.13 -3.23
C VAL A 168 17.49 -0.89 -2.20
N LYS A 169 16.81 -1.23 -1.11
CA LYS A 169 17.44 -1.92 -0.01
C LYS A 169 16.78 -3.30 0.07
N ASN A 170 17.38 -4.17 0.88
CA ASN A 170 16.86 -5.50 1.01
C ASN A 170 15.60 -5.55 1.89
N SER A 171 15.28 -4.43 2.58
CA SER A 171 14.03 -4.22 3.33
C SER A 171 12.87 -3.77 2.43
N MET A 172 13.07 -3.86 1.11
CA MET A 172 12.08 -3.44 0.12
C MET A 172 11.78 -4.56 -0.87
N VAL A 173 10.60 -4.54 -1.51
CA VAL A 173 10.23 -5.48 -2.57
C VAL A 173 10.07 -4.63 -3.82
N CYS A 174 10.59 -5.06 -4.95
CA CYS A 174 10.36 -4.39 -6.22
C CYS A 174 9.35 -5.22 -6.98
N ALA A 175 8.42 -4.58 -7.70
CA ALA A 175 7.51 -5.34 -8.53
C ALA A 175 7.15 -4.49 -9.75
N GLY A 176 7.10 -5.19 -10.88
CA GLY A 176 6.74 -4.59 -12.16
C GLY A 176 7.95 -4.17 -12.96
N GLY A 177 7.92 -2.92 -13.43
CA GLY A 177 9.01 -2.39 -14.24
C GLY A 177 8.86 -2.62 -15.72
N ASP A 178 7.71 -3.06 -16.26
CA ASP A 178 7.59 -3.34 -17.70
C ASP A 178 7.31 -2.13 -18.60
N GLY A 179 7.19 -0.94 -18.00
CA GLY A 179 6.91 0.29 -18.72
C GLY A 179 5.43 0.55 -18.98
N VAL A 180 4.53 -0.39 -18.68
CA VAL A 180 3.10 -0.29 -18.97
C VAL A 180 2.24 -0.25 -17.69
N ARG A 181 2.54 -1.10 -16.71
CA ARG A 181 1.77 -1.23 -15.49
C ARG A 181 2.64 -0.80 -14.31
N SER A 182 2.04 -0.10 -13.35
CA SER A 182 2.77 0.32 -12.17
C SER A 182 1.86 0.93 -11.12
N GLY A 183 2.42 1.07 -9.91
CA GLY A 183 1.80 1.94 -8.91
C GLY A 183 2.00 3.41 -9.33
N CYS A 184 1.35 4.36 -8.70
CA CYS A 184 1.51 5.77 -9.05
C CYS A 184 1.06 6.55 -7.84
N GLN A 185 1.17 7.89 -7.84
CA GLN A 185 0.77 8.68 -6.66
C GLN A 185 -0.67 8.41 -6.26
N GLY A 186 -0.89 8.27 -4.94
CA GLY A 186 -2.20 7.92 -4.40
C GLY A 186 -2.38 6.43 -4.12
N ASP A 187 -1.47 5.61 -4.64
CA ASP A 187 -1.45 4.17 -4.35
C ASP A 187 -0.57 3.89 -3.14
N SER A 188 0.31 4.84 -2.81
CA SER A 188 1.24 4.77 -1.69
C SER A 188 0.53 4.31 -0.42
N GLY A 189 1.17 3.43 0.35
CA GLY A 189 0.59 2.94 1.58
C GLY A 189 -0.26 1.68 1.38
N GLY A 190 -0.67 1.45 0.13
CA GLY A 190 -1.53 0.33 -0.19
C GLY A 190 -0.80 -1.01 -0.27
N PRO A 191 -1.54 -2.09 -0.44
CA PRO A 191 -0.99 -3.44 -0.56
C PRO A 191 -0.36 -3.85 -1.89
N LEU A 192 0.59 -4.80 -1.76
CA LEU A 192 1.03 -5.62 -2.89
C LEU A 192 0.60 -7.01 -2.36
N HIS A 193 -0.35 -7.63 -3.06
CA HIS A 193 -0.94 -8.93 -2.68
C HIS A 193 -0.22 -10.01 -3.43
N CYS A 194 0.43 -11.00 -2.80
CA CYS A 194 1.13 -12.04 -3.57
C CYS A 194 0.60 -13.41 -3.20
N LEU A 195 0.43 -14.25 -4.22
CA LEU A 195 -0.13 -15.60 -4.04
C LEU A 195 0.97 -16.53 -3.55
N VAL A 196 0.84 -17.04 -2.33
CA VAL A 196 1.82 -17.93 -1.72
C VAL A 196 1.05 -19.07 -1.06
N ASN A 197 1.32 -20.30 -1.54
CA ASN A 197 0.67 -21.52 -1.06
C ASN A 197 -0.84 -21.45 -1.14
N GLY A 198 -1.32 -20.90 -2.26
CA GLY A 198 -2.73 -20.83 -2.58
C GLY A 198 -3.51 -19.72 -1.90
N GLN A 199 -2.84 -18.86 -1.11
CA GLN A 199 -3.44 -17.77 -0.35
C GLN A 199 -2.78 -16.43 -0.71
N TYR A 200 -3.55 -15.36 -0.88
CA TYR A 200 -2.96 -14.05 -1.09
C TYR A 200 -2.58 -13.46 0.26
N ALA A 201 -1.33 -12.99 0.35
CA ALA A 201 -0.88 -12.29 1.55
C ALA A 201 -0.29 -10.95 1.12
N VAL A 202 -0.29 -9.98 2.04
CA VAL A 202 0.21 -8.64 1.74
C VAL A 202 1.72 -8.59 2.07
N HIS A 203 2.53 -8.65 0.99
CA HIS A 203 3.98 -8.64 1.10
C HIS A 203 4.63 -7.25 0.97
N GLY A 204 3.91 -6.26 0.41
CA GLY A 204 4.46 -4.91 0.29
C GLY A 204 3.47 -3.84 0.70
N VAL A 205 4.05 -2.72 1.11
CA VAL A 205 3.32 -1.49 1.38
C VAL A 205 3.86 -0.54 0.30
N THR A 206 3.05 0.03 -0.61
CA THR A 206 3.59 0.85 -1.69
C THR A 206 4.32 2.08 -1.16
N SER A 207 5.56 2.25 -1.61
CA SER A 207 6.40 3.33 -1.10
C SER A 207 6.76 4.37 -2.14
N PHE A 208 7.35 3.98 -3.27
CA PHE A 208 7.76 4.97 -4.25
C PHE A 208 7.91 4.46 -5.66
N VAL A 209 7.84 5.44 -6.58
CA VAL A 209 8.10 5.24 -7.98
C VAL A 209 9.18 6.24 -8.38
N SER A 210 9.60 6.10 -9.63
CA SER A 210 10.59 7.00 -10.22
C SER A 210 10.14 8.44 -10.32
N ARG A 211 11.05 9.41 -10.11
CA ARG A 211 10.79 10.83 -10.30
C ARG A 211 10.48 11.08 -11.78
N LEU A 212 10.93 10.20 -12.66
CA LEU A 212 10.68 10.35 -14.09
C LEU A 212 9.30 9.94 -14.59
N GLY A 213 8.54 9.21 -13.78
CA GLY A 213 7.22 8.72 -14.16
C GLY A 213 6.88 7.47 -13.38
N CYS A 214 5.58 7.17 -13.37
CA CYS A 214 5.10 5.99 -12.66
C CYS A 214 5.48 4.72 -13.40
N ASN A 215 5.12 4.57 -14.66
CA ASN A 215 5.45 3.39 -15.45
C ASN A 215 6.67 3.66 -16.30
N VAL A 216 7.81 3.30 -15.78
CA VAL A 216 9.08 3.49 -16.47
C VAL A 216 9.73 2.12 -16.53
N THR A 217 10.15 1.72 -17.73
CA THR A 217 10.84 0.45 -17.94
C THR A 217 12.11 0.40 -17.09
N ARG A 218 12.22 -0.72 -16.38
CA ARG A 218 13.29 -1.04 -15.45
C ARG A 218 13.35 -0.13 -14.23
N LYS A 219 12.24 0.55 -13.92
CA LYS A 219 12.10 1.23 -12.64
C LYS A 219 10.83 0.69 -12.01
N PRO A 220 10.83 -0.56 -11.54
CA PRO A 220 9.67 -1.15 -10.88
C PRO A 220 9.19 -0.35 -9.70
N THR A 221 7.91 -0.53 -9.39
CA THR A 221 7.36 0.08 -8.20
C THR A 221 8.07 -0.53 -6.96
N VAL A 222 8.35 0.31 -5.96
CA VAL A 222 9.08 -0.15 -4.78
C VAL A 222 8.14 -0.06 -3.60
N PHE A 223 8.22 -1.16 -2.82
CA PHE A 223 7.37 -1.43 -1.69
C PHE A 223 8.19 -1.67 -0.44
N THR A 224 7.69 -1.23 0.71
CA THR A 224 8.27 -1.67 1.96
C THR A 224 7.98 -3.17 2.11
N ARG A 225 9.01 -3.98 2.43
CA ARG A 225 8.84 -5.43 2.62
C ARG A 225 8.25 -5.73 4.00
N VAL A 226 6.97 -6.07 3.99
CA VAL A 226 6.22 -6.29 5.23
C VAL A 226 6.87 -7.37 6.12
N SER A 227 7.41 -8.44 5.52
CA SER A 227 8.00 -9.51 6.29
C SER A 227 9.26 -9.06 7.04
N ALA A 228 9.82 -7.88 6.73
CA ALA A 228 10.92 -7.36 7.49
C ALA A 228 10.46 -6.66 8.76
N TYR A 229 9.14 -6.46 8.96
CA TYR A 229 8.61 -5.69 10.06
C TYR A 229 7.59 -6.38 10.93
N ILE A 230 7.51 -7.70 10.85
CA ILE A 230 6.51 -8.44 11.62
C ILE A 230 6.68 -8.30 13.14
N SER A 231 7.91 -8.35 13.67
CA SER A 231 8.14 -8.18 15.11
C SER A 231 7.73 -6.79 15.55
N TRP A 232 8.08 -5.76 14.74
CA TRP A 232 7.72 -4.39 15.06
C TRP A 232 6.20 -4.22 15.07
N ILE A 233 5.50 -4.72 14.03
CA ILE A 233 4.02 -4.63 13.96
C ILE A 233 3.35 -5.24 15.19
N ASN A 234 3.77 -6.46 15.52
CA ASN A 234 3.24 -7.15 16.67
C ASN A 234 3.60 -6.48 17.97
N ASN A 235 4.79 -5.91 18.13
CA ASN A 235 5.12 -5.15 19.36
C ASN A 235 4.28 -3.86 19.52
N VAL A 236 3.94 -3.20 18.41
CA VAL A 236 3.11 -2.00 18.48
C VAL A 236 1.68 -2.34 18.85
N ILE A 237 1.08 -3.33 18.24
CA ILE A 237 -0.31 -3.65 18.52
C ILE A 237 -0.50 -4.22 19.93
N ALA A 238 0.46 -4.97 20.44
CA ALA A 238 0.36 -5.54 21.77
C ALA A 238 0.50 -4.53 22.93
N SER A 239 0.84 -3.27 22.64
CA SER A 239 0.93 -2.28 23.69
C SER A 239 0.04 -1.05 23.49
N ASN A 240 -0.80 -1.00 22.45
CA ASN A 240 -1.61 0.19 22.15
C ASN A 240 -3.12 -0.06 21.95
CA CA B . -18.14 4.80 -2.34
N3 BAA C . 1.36 8.07 -2.86
C1 BAA C . 1.75 9.30 -2.44
O1 BAA C . 2.90 9.52 -2.28
CA1 BAA C . 0.83 10.53 -2.17
CB1 BAA C . 0.79 10.76 -0.63
N1 BAA C . -0.55 10.74 -2.66
C2 BAA C . -0.88 11.78 -3.48
O2 BAA C . -0.03 12.47 -3.95
CA2 BAA C . -2.32 12.11 -3.89
CB2 BAA C . -3.27 10.92 -3.85
N2 BAA C . -2.52 12.67 -5.21
C3 BAA C . -3.54 13.52 -5.40
O3 BAA C . -4.24 13.87 -4.50
O4 BAA C . -4.01 13.48 -6.76
C4 BAA C . -4.54 14.65 -7.42
C41 BAA C . -3.71 15.95 -7.19
C42 BAA C . -4.43 14.29 -8.90
C43 BAA C . -6.02 14.82 -7.03
#